data_5HB6
#
_entry.id   5HB6
#
_cell.length_a   43.018
_cell.length_b   44.120
_cell.length_c   45.336
_cell.angle_alpha   99.76
_cell.angle_beta   110.98
_cell.angle_gamma   105.91
#
_symmetry.space_group_name_H-M   'P 1'
#
loop_
_entity.id
_entity.type
_entity.pdbx_description
1 polymer 'Nucleoporin NUP145'
2 non-polymer 'SULFATE ION'
3 water water
#
_entity_poly.entity_id   1
_entity_poly.type   'polypeptide(L)'
_entity_poly.pdbx_seq_one_letter_code
;SGAYWMSPTADDIRAMNRMQRQRVVGFTVGRENVGSVQFKVPVDLSNINLDDLFGTIVILEPRSATVYPNAAKKPPMGKG
LNVPALISLEHSWPRGGPTIKGRRLERHIERLKSIPDTTFESYDPETGVWAFSVEHFATYGLGD
;
_entity_poly.pdbx_strand_id   A,B
#
loop_
_chem_comp.id
_chem_comp.type
_chem_comp.name
_chem_comp.formula
SO4 non-polymer 'SULFATE ION' 'O4 S -2'
#
# COMPACT_ATOMS: atom_id res chain seq x y z
N SER A 1 8.15 -14.60 17.61
CA SER A 1 6.74 -14.32 17.84
C SER A 1 6.50 -12.79 17.92
N GLY A 2 5.26 -12.41 18.14
CA GLY A 2 4.88 -11.02 18.06
C GLY A 2 3.40 -10.95 17.80
N ALA A 3 2.83 -9.81 18.15
CA ALA A 3 1.41 -9.60 18.01
C ALA A 3 1.03 -9.32 16.56
N TYR A 4 -0.04 -9.97 16.10
CA TYR A 4 -0.67 -9.61 14.84
C TYR A 4 -1.50 -8.35 15.01
N TRP A 5 -1.68 -7.62 13.91
CA TRP A 5 -2.56 -6.46 13.88
C TRP A 5 -3.12 -6.32 12.46
N MET A 6 -4.18 -5.55 12.33
CA MET A 6 -4.67 -5.16 11.02
C MET A 6 -5.02 -3.68 11.01
N SER A 7 -4.99 -3.09 9.83
N SER A 7 -4.96 -3.06 9.84
CA SER A 7 -5.35 -1.70 9.62
CA SER A 7 -5.34 -1.65 9.68
C SER A 7 -6.09 -1.58 8.29
C SER A 7 -5.99 -1.44 8.31
N PRO A 8 -7.24 -0.93 8.25
CA PRO A 8 -8.08 -0.50 9.37
C PRO A 8 -8.33 -1.65 10.35
N THR A 9 -8.56 -1.30 11.61
CA THR A 9 -8.76 -2.32 12.63
C THR A 9 -10.05 -3.07 12.36
N ALA A 10 -10.17 -4.26 12.99
CA ALA A 10 -11.41 -5.00 12.90
C ALA A 10 -12.60 -4.16 13.36
N ASP A 11 -12.41 -3.37 14.44
CA ASP A 11 -13.49 -2.50 14.90
C ASP A 11 -13.84 -1.41 13.89
N ASP A 12 -12.81 -0.83 13.25
CA ASP A 12 -13.06 0.16 12.19
C ASP A 12 -13.89 -0.47 11.07
N ILE A 13 -13.55 -1.70 10.69
CA ILE A 13 -14.21 -2.34 9.56
C ILE A 13 -15.64 -2.70 9.92
N ARG A 14 -15.85 -3.17 11.16
CA ARG A 14 -17.21 -3.48 11.60
C ARG A 14 -18.10 -2.26 11.62
N ALA A 15 -17.51 -1.09 11.83
CA ALA A 15 -18.26 0.15 11.85
C ALA A 15 -18.54 0.72 10.46
N MET A 16 -17.98 0.13 9.42
CA MET A 16 -18.25 0.59 8.06
C MET A 16 -19.64 0.16 7.64
N ASN A 17 -20.22 0.88 6.69
CA ASN A 17 -21.49 0.48 6.13
C ASN A 17 -21.29 -0.61 5.08
N ARG A 18 -22.39 -1.06 4.48
CA ARG A 18 -22.33 -2.24 3.62
C ARG A 18 -21.59 -1.99 2.31
N MET A 19 -21.69 -0.78 1.77
CA MET A 19 -20.92 -0.47 0.57
C MET A 19 -19.43 -0.34 0.89
N GLN A 20 -19.09 0.22 2.06
CA GLN A 20 -17.70 0.43 2.42
C GLN A 20 -16.97 -0.88 2.70
N ARG A 21 -17.61 -1.82 3.41
CA ARG A 21 -16.93 -3.05 3.79
C ARG A 21 -16.63 -3.93 2.59
N GLN A 22 -17.30 -3.71 1.46
CA GLN A 22 -17.02 -4.43 0.22
C GLN A 22 -15.83 -3.87 -0.55
N ARG A 23 -15.27 -2.75 -0.10
CA ARG A 23 -14.17 -2.10 -0.82
C ARG A 23 -13.26 -1.38 0.17
N VAL A 24 -12.66 -2.14 1.08
CA VAL A 24 -11.76 -1.57 2.08
C VAL A 24 -10.44 -1.25 1.41
N VAL A 25 -10.02 0.02 1.50
CA VAL A 25 -8.80 0.52 0.89
C VAL A 25 -7.70 0.55 1.94
N GLY A 26 -6.49 0.17 1.53
CA GLY A 26 -5.36 0.22 2.42
C GLY A 26 -5.31 -0.89 3.44
N PHE A 27 -6.00 -2.00 3.19
CA PHE A 27 -6.06 -3.07 4.18
C PHE A 27 -4.67 -3.68 4.33
N THR A 28 -4.23 -3.81 5.57
CA THR A 28 -2.88 -4.24 5.90
C THR A 28 -2.98 -5.19 7.07
N VAL A 29 -2.33 -6.36 6.96
CA VAL A 29 -2.19 -7.30 8.06
C VAL A 29 -0.71 -7.42 8.36
N GLY A 30 -0.35 -7.20 9.63
CA GLY A 30 1.04 -7.27 10.02
C GLY A 30 1.23 -8.11 11.25
N ARG A 31 2.48 -8.39 11.54
CA ARG A 31 2.84 -9.07 12.78
C ARG A 31 4.17 -8.53 13.25
N GLU A 32 4.23 -8.14 14.51
N GLU A 32 4.23 -8.13 14.51
CA GLU A 32 5.47 -7.67 15.09
CA GLU A 32 5.47 -7.64 15.07
C GLU A 32 6.56 -8.71 14.91
C GLU A 32 6.56 -8.69 14.94
N ASN A 33 7.75 -8.23 14.56
CA ASN A 33 8.93 -9.06 14.39
C ASN A 33 8.86 -9.94 13.15
N VAL A 34 7.88 -9.72 12.27
CA VAL A 34 7.79 -10.48 11.04
C VAL A 34 7.71 -9.57 9.82
N GLY A 35 6.69 -8.71 9.78
CA GLY A 35 6.49 -7.86 8.61
C GLY A 35 5.01 -7.66 8.36
N SER A 36 4.67 -7.44 7.09
CA SER A 36 3.32 -7.01 6.75
C SER A 36 2.96 -7.40 5.34
N VAL A 37 1.65 -7.49 5.13
CA VAL A 37 1.05 -7.65 3.80
C VAL A 37 0.06 -6.49 3.62
N GLN A 38 0.33 -5.67 2.62
CA GLN A 38 -0.49 -4.50 2.29
C GLN A 38 -1.21 -4.81 0.98
N PHE A 39 -2.52 -4.96 1.04
CA PHE A 39 -3.28 -5.25 -0.18
C PHE A 39 -3.37 -3.99 -1.04
N LYS A 40 -3.10 -4.14 -2.32
N LYS A 40 -3.08 -4.13 -2.34
CA LYS A 40 -2.87 -3.01 -3.20
CA LYS A 40 -2.86 -3.00 -3.23
C LYS A 40 -4.15 -2.49 -3.85
C LYS A 40 -4.11 -2.57 -3.99
N VAL A 41 -5.25 -3.21 -3.76
CA VAL A 41 -6.52 -2.81 -4.36
C VAL A 41 -7.55 -2.89 -3.24
N PRO A 42 -8.73 -2.28 -3.44
CA PRO A 42 -9.77 -2.42 -2.41
C PRO A 42 -10.15 -3.89 -2.29
N VAL A 43 -10.39 -4.32 -1.06
CA VAL A 43 -10.75 -5.70 -0.79
C VAL A 43 -12.14 -5.79 -0.19
N ASP A 44 -12.84 -6.85 -0.55
CA ASP A 44 -14.20 -7.11 -0.05
C ASP A 44 -14.06 -7.95 1.21
N LEU A 45 -14.31 -7.34 2.37
CA LEU A 45 -14.25 -8.03 3.64
C LEU A 45 -15.62 -8.35 4.19
N SER A 46 -16.66 -8.20 3.38
CA SER A 46 -18.03 -8.38 3.88
C SER A 46 -18.30 -9.80 4.35
N ASN A 47 -17.57 -10.79 3.82
CA ASN A 47 -17.79 -12.19 4.16
C ASN A 47 -16.52 -12.87 4.66
N ILE A 48 -15.67 -12.11 5.35
CA ILE A 48 -14.49 -12.64 6.03
C ILE A 48 -14.69 -12.47 7.53
N ASN A 49 -14.33 -13.50 8.29
CA ASN A 49 -14.45 -13.49 9.74
C ASN A 49 -13.23 -12.81 10.34
N LEU A 50 -13.40 -11.54 10.72
CA LEU A 50 -12.27 -10.76 11.21
C LEU A 50 -11.77 -11.25 12.56
N ASP A 51 -12.55 -12.05 13.26
CA ASP A 51 -12.11 -12.63 14.52
C ASP A 51 -11.35 -13.93 14.33
N ASP A 52 -11.26 -14.43 13.09
CA ASP A 52 -10.52 -15.64 12.82
C ASP A 52 -9.76 -15.45 11.52
N LEU A 53 -8.98 -14.37 11.49
N LEU A 53 -8.97 -14.37 11.49
CA LEU A 53 -8.15 -14.00 10.36
CA LEU A 53 -8.16 -13.96 10.36
C LEU A 53 -6.68 -14.29 10.64
C LEU A 53 -6.68 -14.23 10.61
N PHE A 54 -6.16 -13.75 11.74
CA PHE A 54 -4.75 -13.91 12.07
C PHE A 54 -4.42 -15.38 12.28
N GLY A 55 -3.40 -15.86 11.59
CA GLY A 55 -2.97 -17.23 11.78
C GLY A 55 -3.87 -18.27 11.16
N THR A 56 -4.93 -17.85 10.47
CA THR A 56 -5.92 -18.75 9.89
C THR A 56 -6.08 -18.44 8.41
N ILE A 57 -6.38 -17.18 8.09
N ILE A 57 -6.33 -17.18 8.07
CA ILE A 57 -6.43 -16.71 6.71
CA ILE A 57 -6.40 -16.76 6.67
C ILE A 57 -5.07 -16.15 6.27
C ILE A 57 -5.10 -16.09 6.22
N VAL A 58 -4.53 -15.23 7.07
CA VAL A 58 -3.22 -14.65 6.82
C VAL A 58 -2.28 -15.16 7.89
N ILE A 59 -1.21 -15.83 7.48
CA ILE A 59 -0.24 -16.41 8.40
C ILE A 59 1.08 -15.72 8.17
N LEU A 60 1.62 -15.11 9.22
CA LEU A 60 2.88 -14.41 9.18
C LEU A 60 3.82 -15.06 10.20
N GLU A 61 4.85 -15.71 9.69
N GLU A 61 4.87 -15.68 9.70
CA GLU A 61 5.96 -16.19 10.51
CA GLU A 61 5.96 -16.16 10.53
C GLU A 61 7.23 -15.59 9.94
C GLU A 61 7.24 -15.65 9.90
N PRO A 62 8.36 -15.64 10.63
CA PRO A 62 9.57 -15.02 10.08
C PRO A 62 9.88 -15.53 8.69
N ARG A 63 10.00 -14.60 7.76
CA ARG A 63 10.37 -14.87 6.37
C ARG A 63 9.30 -15.63 5.62
N SER A 64 8.05 -15.58 6.09
CA SER A 64 6.99 -16.39 5.52
C SER A 64 5.63 -15.70 5.64
N ALA A 65 5.07 -15.29 4.50
CA ALA A 65 3.74 -14.73 4.43
C ALA A 65 2.89 -15.66 3.57
N THR A 66 1.77 -16.11 4.13
CA THR A 66 0.87 -17.04 3.48
C THR A 66 -0.54 -16.47 3.60
N VAL A 67 -1.29 -16.52 2.50
CA VAL A 67 -2.68 -16.12 2.49
C VAL A 67 -3.50 -17.27 1.91
N TYR A 68 -4.51 -17.74 2.66
CA TYR A 68 -5.35 -18.89 2.33
C TYR A 68 -4.55 -20.18 2.32
N PRO A 69 -4.25 -20.75 3.49
CA PRO A 69 -3.43 -21.98 3.54
C PRO A 69 -4.18 -23.23 3.14
N ASN A 70 -5.51 -23.22 3.08
CA ASN A 70 -6.29 -24.40 2.73
C ASN A 70 -6.66 -24.30 1.26
N ALA A 71 -6.09 -25.18 0.44
CA ALA A 71 -6.27 -25.07 -0.99
C ALA A 71 -7.72 -25.30 -1.42
N ALA A 72 -8.50 -26.03 -0.62
CA ALA A 72 -9.90 -26.23 -0.98
C ALA A 72 -10.76 -25.01 -0.67
N LYS A 73 -10.28 -24.11 0.18
CA LYS A 73 -11.01 -22.92 0.61
C LYS A 73 -10.19 -21.68 0.30
N LYS A 74 -9.83 -21.51 -0.97
N LYS A 74 -9.85 -21.51 -0.97
CA LYS A 74 -9.06 -20.35 -1.42
CA LYS A 74 -9.06 -20.37 -1.44
C LYS A 74 -9.81 -19.77 -2.60
C LYS A 74 -9.84 -19.77 -2.61
N PRO A 75 -10.26 -18.51 -2.54
CA PRO A 75 -11.08 -17.94 -3.63
C PRO A 75 -10.28 -17.71 -4.89
N PRO A 76 -10.95 -17.47 -6.03
CA PRO A 76 -10.24 -17.19 -7.27
C PRO A 76 -9.46 -15.89 -7.19
N MET A 77 -8.49 -15.75 -8.10
CA MET A 77 -7.76 -14.51 -8.26
C MET A 77 -8.75 -13.36 -8.39
N GLY A 78 -8.47 -12.27 -7.67
CA GLY A 78 -9.31 -11.10 -7.72
C GLY A 78 -10.45 -11.06 -6.73
N LYS A 79 -10.69 -12.14 -6.00
CA LYS A 79 -11.73 -12.18 -4.98
C LYS A 79 -11.10 -12.33 -3.60
N GLY A 80 -11.81 -11.84 -2.60
CA GLY A 80 -11.32 -11.91 -1.24
C GLY A 80 -9.99 -11.22 -1.12
N LEU A 81 -9.06 -11.87 -0.41
CA LEU A 81 -7.70 -11.38 -0.26
C LEU A 81 -6.73 -11.94 -1.31
N ASN A 82 -7.24 -12.65 -2.33
CA ASN A 82 -6.40 -13.25 -3.36
C ASN A 82 -6.19 -12.23 -4.47
N VAL A 83 -5.48 -11.16 -4.11
CA VAL A 83 -5.38 -9.96 -4.93
C VAL A 83 -3.95 -9.44 -4.84
N PRO A 84 -3.60 -8.45 -5.65
CA PRO A 84 -2.24 -7.89 -5.58
C PRO A 84 -1.91 -7.34 -4.19
N ALA A 85 -0.66 -7.57 -3.76
CA ALA A 85 -0.24 -7.18 -2.42
C ALA A 85 1.23 -6.85 -2.42
N LEU A 86 1.61 -5.99 -1.46
N LEU A 86 1.59 -5.93 -1.53
CA LEU A 86 2.99 -5.63 -1.19
CA LEU A 86 2.97 -5.64 -1.19
C LEU A 86 3.37 -6.27 0.13
C LEU A 86 3.28 -6.40 0.08
N ILE A 87 4.38 -7.14 0.09
CA ILE A 87 4.79 -7.93 1.25
C ILE A 87 6.14 -7.41 1.70
N SER A 88 6.29 -7.18 2.99
CA SER A 88 7.56 -6.68 3.53
C SER A 88 7.97 -7.61 4.65
N LEU A 89 9.15 -8.20 4.53
CA LEU A 89 9.60 -9.23 5.46
C LEU A 89 10.93 -8.86 6.09
N GLU A 90 10.92 -8.78 7.42
CA GLU A 90 12.13 -8.68 8.21
C GLU A 90 13.00 -9.95 8.07
N HIS A 91 14.26 -9.82 8.48
CA HIS A 91 15.15 -10.96 8.61
C HIS A 91 15.57 -11.54 7.27
N SER A 92 15.61 -10.70 6.24
CA SER A 92 15.90 -11.10 4.88
C SER A 92 17.34 -10.84 4.48
N TRP A 93 18.25 -10.87 5.47
CA TRP A 93 19.67 -10.65 5.33
C TRP A 93 20.28 -11.65 4.35
N PRO A 94 21.47 -11.31 3.84
CA PRO A 94 22.29 -12.28 3.13
C PRO A 94 22.41 -13.58 3.92
N ARG A 95 22.75 -14.66 3.20
CA ARG A 95 22.82 -15.97 3.85
C ARG A 95 23.75 -15.96 5.04
N GLY A 96 24.85 -15.23 4.96
CA GLY A 96 25.79 -15.10 6.06
C GLY A 96 25.38 -14.18 7.20
N GLY A 97 24.20 -13.58 7.13
CA GLY A 97 23.66 -12.80 8.22
C GLY A 97 23.82 -11.29 8.06
N PRO A 98 23.48 -10.56 9.13
CA PRO A 98 23.45 -9.08 9.05
C PRO A 98 24.81 -8.44 8.83
N THR A 99 25.91 -9.16 9.10
CA THR A 99 27.23 -8.54 8.98
C THR A 99 27.78 -8.56 7.56
N ILE A 100 27.09 -9.20 6.60
CA ILE A 100 27.59 -9.29 5.22
C ILE A 100 27.40 -7.95 4.51
N LYS A 101 28.45 -7.45 3.88
CA LYS A 101 28.44 -6.15 3.23
C LYS A 101 29.22 -6.24 1.93
N GLY A 102 29.46 -5.08 1.32
CA GLY A 102 30.28 -5.01 0.12
C GLY A 102 29.68 -5.71 -1.08
N ARG A 103 30.57 -6.31 -1.87
CA ARG A 103 30.18 -6.92 -3.14
C ARG A 103 29.16 -8.03 -2.94
N ARG A 104 29.31 -8.84 -1.87
CA ARG A 104 28.34 -9.90 -1.62
C ARG A 104 26.97 -9.33 -1.33
N LEU A 105 26.92 -8.23 -0.59
CA LEU A 105 25.64 -7.59 -0.31
C LEU A 105 25.01 -7.09 -1.60
N GLU A 106 25.82 -6.57 -2.52
CA GLU A 106 25.28 -6.18 -3.82
C GLU A 106 24.69 -7.38 -4.56
N ARG A 107 25.38 -8.53 -4.54
CA ARG A 107 24.86 -9.70 -5.25
C ARG A 107 23.60 -10.24 -4.58
N HIS A 108 23.56 -10.17 -3.24
CA HIS A 108 22.35 -10.56 -2.51
C HIS A 108 21.15 -9.80 -3.00
N ILE A 109 21.31 -8.48 -3.16
CA ILE A 109 20.21 -7.66 -3.64
C ILE A 109 19.81 -8.08 -5.05
N GLU A 110 20.79 -8.34 -5.91
CA GLU A 110 20.47 -8.79 -7.26
C GLU A 110 19.75 -10.14 -7.24
N ARG A 111 20.11 -11.03 -6.33
CA ARG A 111 19.42 -12.31 -6.27
C ARG A 111 18.00 -12.15 -5.71
N LEU A 112 17.79 -11.23 -4.75
CA LEU A 112 16.42 -10.96 -4.32
C LEU A 112 15.57 -10.48 -5.50
N LYS A 113 16.16 -9.69 -6.40
CA LYS A 113 15.39 -9.20 -7.55
C LYS A 113 14.93 -10.34 -8.44
N SER A 114 15.64 -11.47 -8.43
CA SER A 114 15.33 -12.59 -9.31
C SER A 114 14.47 -13.68 -8.67
N ILE A 115 14.01 -13.50 -7.44
CA ILE A 115 13.17 -14.53 -6.82
C ILE A 115 11.90 -14.73 -7.64
N PRO A 116 11.63 -15.95 -8.10
CA PRO A 116 10.46 -16.18 -8.94
C PRO A 116 9.15 -15.78 -8.28
N ASP A 117 8.23 -15.31 -9.09
CA ASP A 117 6.87 -15.01 -8.67
C ASP A 117 6.82 -13.88 -7.67
N THR A 118 7.82 -13.00 -7.71
CA THR A 118 7.81 -11.77 -6.94
C THR A 118 8.27 -10.63 -7.83
N THR A 119 7.86 -9.42 -7.49
CA THR A 119 8.35 -8.21 -8.15
C THR A 119 9.05 -7.37 -7.09
N PHE A 120 10.36 -7.29 -7.17
CA PHE A 120 11.15 -6.62 -6.15
C PHE A 120 10.70 -5.19 -5.98
N GLU A 121 10.55 -4.75 -4.75
CA GLU A 121 10.28 -3.36 -4.41
C GLU A 121 11.49 -2.72 -3.75
N SER A 122 12.07 -3.37 -2.75
CA SER A 122 13.20 -2.78 -2.07
C SER A 122 13.87 -3.79 -1.17
N TYR A 123 15.11 -3.48 -0.81
CA TYR A 123 15.82 -4.14 0.27
C TYR A 123 16.56 -3.06 1.05
N ASP A 124 16.34 -3.03 2.36
CA ASP A 124 16.99 -2.04 3.21
C ASP A 124 18.14 -2.72 3.92
N PRO A 125 19.39 -2.40 3.59
CA PRO A 125 20.53 -3.13 4.19
C PRO A 125 20.68 -2.93 5.68
N GLU A 126 20.19 -1.82 6.23
CA GLU A 126 20.31 -1.57 7.66
C GLU A 126 19.32 -2.39 8.46
N THR A 127 18.09 -2.54 7.96
CA THR A 127 17.03 -3.21 8.71
C THR A 127 16.82 -4.65 8.29
N GLY A 128 17.34 -5.06 7.15
CA GLY A 128 17.14 -6.41 6.69
C GLY A 128 15.79 -6.69 6.08
N VAL A 129 15.02 -5.66 5.77
CA VAL A 129 13.67 -5.83 5.24
C VAL A 129 13.72 -5.92 3.72
N TRP A 130 13.18 -7.00 3.18
CA TRP A 130 12.92 -7.16 1.76
C TRP A 130 11.44 -6.97 1.51
N ALA A 131 11.13 -6.08 0.57
CA ALA A 131 9.76 -5.81 0.17
C ALA A 131 9.61 -6.16 -1.29
N PHE A 132 8.47 -6.75 -1.61
CA PHE A 132 8.19 -7.17 -2.96
C PHE A 132 6.69 -7.25 -3.16
N SER A 133 6.25 -7.16 -4.41
CA SER A 133 4.85 -7.30 -4.74
C SER A 133 4.59 -8.68 -5.32
N VAL A 134 3.35 -9.13 -5.14
CA VAL A 134 2.83 -10.30 -5.82
C VAL A 134 1.54 -9.88 -6.48
N GLU A 135 1.17 -10.60 -7.52
CA GLU A 135 -0.09 -10.32 -8.24
C GLU A 135 -1.28 -10.99 -7.61
N HIS A 136 -1.05 -12.01 -6.80
CA HIS A 136 -2.11 -12.78 -6.17
C HIS A 136 -1.41 -13.84 -5.34
N PHE A 137 -2.17 -14.72 -4.70
CA PHE A 137 -1.61 -15.77 -3.86
C PHE A 137 -1.90 -17.16 -4.40
N ALA A 138 -2.18 -17.26 -5.69
CA ALA A 138 -2.44 -18.53 -6.34
C ALA A 138 -1.13 -19.29 -6.58
N SER B 1 -16.28 17.62 -2.48
CA SER B 1 -16.56 16.46 -3.33
C SER B 1 -16.49 15.12 -2.57
N GLY B 2 -16.13 15.13 -1.28
CA GLY B 2 -16.01 13.91 -0.54
C GLY B 2 -15.17 14.10 0.70
N ALA B 3 -15.42 13.26 1.70
CA ALA B 3 -14.69 13.34 2.95
C ALA B 3 -13.30 12.72 2.83
N TYR B 4 -12.31 13.41 3.38
CA TYR B 4 -10.99 12.84 3.59
C TYR B 4 -11.05 11.84 4.74
N TRP B 5 -10.12 10.88 4.70
CA TRP B 5 -9.97 9.93 5.79
C TRP B 5 -8.53 9.47 5.81
N MET B 6 -8.13 8.89 6.93
CA MET B 6 -6.82 8.26 7.05
C MET B 6 -6.96 6.94 7.78
N SER B 7 -6.01 6.06 7.51
N SER B 7 -6.05 6.02 7.50
CA SER B 7 -5.91 4.77 8.18
CA SER B 7 -5.97 4.74 8.22
C SER B 7 -4.44 4.49 8.47
C SER B 7 -4.50 4.34 8.44
N PRO B 8 -4.07 4.09 9.70
CA PRO B 8 -4.87 4.11 10.93
C PRO B 8 -5.48 5.49 11.15
N THR B 9 -6.55 5.54 11.95
CA THR B 9 -7.27 6.79 12.16
C THR B 9 -6.41 7.77 12.95
N ALA B 10 -6.73 9.05 12.79
CA ALA B 10 -6.07 10.08 13.59
C ALA B 10 -6.20 9.78 15.08
N ASP B 11 -7.37 9.34 15.52
CA ASP B 11 -7.56 9.03 16.94
C ASP B 11 -6.62 7.92 17.36
N ASP B 12 -6.48 6.87 16.56
CA ASP B 12 -5.60 5.78 16.93
C ASP B 12 -4.13 6.22 16.90
N ILE B 13 -3.74 7.02 15.92
CA ILE B 13 -2.37 7.49 15.87
C ILE B 13 -2.06 8.38 17.08
N ARG B 14 -3.00 9.25 17.47
CA ARG B 14 -2.77 10.12 18.62
C ARG B 14 -2.60 9.32 19.90
N ALA B 15 -3.24 8.14 19.99
CA ALA B 15 -3.15 7.27 21.16
C ALA B 15 -1.91 6.40 21.15
N MET B 16 -1.16 6.36 20.05
CA MET B 16 0.07 5.58 19.99
C MET B 16 1.11 6.21 20.90
N ASN B 17 2.04 5.38 21.39
CA ASN B 17 3.17 5.88 22.14
C ASN B 17 4.25 6.39 21.19
N ARG B 18 5.33 6.92 21.78
CA ARG B 18 6.40 7.57 21.02
C ARG B 18 6.97 6.65 19.95
N MET B 19 7.29 5.41 20.32
CA MET B 19 7.94 4.52 19.36
C MET B 19 6.97 4.07 18.28
N GLN B 20 5.68 3.91 18.60
CA GLN B 20 4.72 3.46 17.61
C GLN B 20 4.44 4.55 16.57
N ARG B 21 4.32 5.81 17.02
CA ARG B 21 3.97 6.89 16.10
C ARG B 21 5.12 7.23 15.16
N GLN B 22 6.34 6.81 15.48
CA GLN B 22 7.49 6.96 14.60
C GLN B 22 7.57 5.90 13.51
N ARG B 23 6.71 4.89 13.55
N ARG B 23 6.73 4.88 13.52
CA ARG B 23 6.78 3.74 12.68
CA ARG B 23 6.84 3.79 12.53
C ARG B 23 5.33 3.31 12.43
C ARG B 23 5.45 3.24 12.20
N VAL B 24 4.60 4.10 11.66
CA VAL B 24 3.23 3.74 11.31
C VAL B 24 3.24 2.99 9.98
N VAL B 25 2.71 1.78 10.01
CA VAL B 25 2.73 0.88 8.87
C VAL B 25 1.37 0.91 8.19
N GLY B 26 1.38 0.88 6.86
CA GLY B 26 0.14 0.86 6.12
C GLY B 26 -0.60 2.19 6.09
N PHE B 27 0.10 3.30 6.32
CA PHE B 27 -0.55 4.59 6.44
C PHE B 27 -1.14 4.99 5.09
N THR B 28 -2.41 5.36 5.12
CA THR B 28 -3.19 5.64 3.91
C THR B 28 -3.99 6.91 4.14
N VAL B 29 -3.94 7.84 3.19
CA VAL B 29 -4.79 9.02 3.19
C VAL B 29 -5.65 8.93 1.95
N GLY B 30 -6.96 9.01 2.13
CA GLY B 30 -7.88 8.92 1.02
C GLY B 30 -8.91 10.02 1.06
N ARG B 31 -9.67 10.10 -0.03
CA ARG B 31 -10.81 11.02 -0.06
C ARG B 31 -11.90 10.36 -0.88
N GLU B 32 -13.10 10.32 -0.31
CA GLU B 32 -14.24 9.74 -1.01
C GLU B 32 -14.42 10.42 -2.34
N ASN B 33 -14.70 9.62 -3.36
CA ASN B 33 -14.93 10.06 -4.72
C ASN B 33 -13.68 10.52 -5.44
N VAL B 34 -12.50 10.34 -4.85
CA VAL B 34 -11.26 10.79 -5.45
C VAL B 34 -10.26 9.65 -5.59
N GLY B 35 -9.88 9.04 -4.47
CA GLY B 35 -8.87 8.01 -4.48
C GLY B 35 -8.05 8.06 -3.20
N SER B 36 -6.80 7.61 -3.31
CA SER B 36 -6.03 7.37 -2.10
C SER B 36 -4.53 7.41 -2.38
N VAL B 37 -3.78 7.63 -1.31
CA VAL B 37 -2.32 7.52 -1.30
C VAL B 37 -1.96 6.56 -0.18
N GLN B 38 -1.33 5.45 -0.54
CA GLN B 38 -0.93 4.41 0.41
C GLN B 38 0.60 4.44 0.49
N PHE B 39 1.14 4.80 1.64
CA PHE B 39 2.59 4.86 1.78
C PHE B 39 3.14 3.45 1.93
N LYS B 40 4.20 3.15 1.18
N LYS B 40 4.18 3.12 1.16
CA LYS B 40 4.65 1.78 0.96
CA LYS B 40 4.57 1.73 1.05
C LYS B 40 5.71 1.32 1.96
C LYS B 40 5.49 1.27 2.17
N VAL B 41 6.12 2.20 2.88
CA VAL B 41 7.08 1.90 3.94
C VAL B 41 6.51 2.48 5.23
N PRO B 42 7.01 2.05 6.39
CA PRO B 42 6.58 2.68 7.64
C PRO B 42 6.95 4.15 7.63
N VAL B 43 6.08 4.99 8.19
CA VAL B 43 6.32 6.44 8.21
C VAL B 43 6.34 6.96 9.63
N ASP B 44 7.15 8.00 9.84
CA ASP B 44 7.27 8.68 11.12
C ASP B 44 6.29 9.84 11.12
N LEU B 45 5.21 9.69 11.88
CA LEU B 45 4.19 10.73 12.02
C LEU B 45 4.32 11.53 13.31
N SER B 46 5.43 11.38 14.03
CA SER B 46 5.53 12.00 15.35
C SER B 46 5.48 13.52 15.29
N ASN B 47 5.94 14.12 14.19
CA ASN B 47 5.98 15.57 14.06
C ASN B 47 5.05 16.09 12.96
N ILE B 48 4.06 15.31 12.57
CA ILE B 48 3.07 15.73 11.58
C ILE B 48 1.77 16.03 12.30
N ASN B 49 1.20 17.19 12.00
CA ASN B 49 -0.07 17.60 12.59
C ASN B 49 -1.19 16.87 11.85
N LEU B 50 -1.80 15.89 12.53
CA LEU B 50 -2.83 15.09 11.91
C LEU B 50 -4.09 15.87 11.65
N ASP B 51 -4.27 17.00 12.33
CA ASP B 51 -5.40 17.89 12.13
C ASP B 51 -5.13 18.95 11.08
N ASP B 52 -3.92 18.99 10.52
CA ASP B 52 -3.63 19.87 9.39
C ASP B 52 -2.85 19.09 8.35
N LEU B 53 -3.40 17.93 7.99
CA LEU B 53 -2.83 17.04 7.02
C LEU B 53 -3.67 17.00 5.75
N PHE B 54 -4.97 16.76 5.87
CA PHE B 54 -5.90 16.81 4.74
C PHE B 54 -5.94 18.20 4.14
N GLY B 55 -5.67 18.31 2.85
CA GLY B 55 -5.75 19.57 2.17
C GLY B 55 -4.58 20.50 2.38
N THR B 56 -3.62 20.12 3.23
CA THR B 56 -2.41 20.90 3.47
C THR B 56 -1.16 20.13 3.08
N ILE B 57 -0.93 18.96 3.67
N ILE B 57 -0.94 18.95 3.67
CA ILE B 57 0.18 18.10 3.28
CA ILE B 57 0.17 18.10 3.29
C ILE B 57 -0.23 17.16 2.16
C ILE B 57 -0.22 17.14 2.16
N VAL B 58 -1.43 16.61 2.21
CA VAL B 58 -1.94 15.72 1.17
C VAL B 58 -3.20 16.37 0.59
N ILE B 59 -3.16 16.71 -0.69
CA ILE B 59 -4.30 17.31 -1.36
C ILE B 59 -4.81 16.31 -2.38
N LEU B 60 -6.07 15.92 -2.23
CA LEU B 60 -6.75 14.99 -3.12
C LEU B 60 -7.96 15.67 -3.72
N GLU B 61 -7.93 15.87 -5.02
N GLU B 61 -7.93 15.89 -5.02
CA GLU B 61 -9.07 16.31 -5.82
CA GLU B 61 -9.09 16.30 -5.79
C GLU B 61 -9.19 15.33 -6.96
C GLU B 61 -9.17 15.39 -6.99
N PRO B 62 -10.32 15.32 -7.69
CA PRO B 62 -10.45 14.36 -8.78
C PRO B 62 -9.29 14.43 -9.75
N ARG B 63 -8.66 13.29 -9.99
CA ARG B 63 -7.54 13.15 -10.90
C ARG B 63 -6.29 13.92 -10.46
N SER B 64 -6.16 14.22 -9.17
CA SER B 64 -5.06 15.08 -8.71
C SER B 64 -4.68 14.68 -7.30
N ALA B 65 -3.51 14.07 -7.14
CA ALA B 65 -2.97 13.73 -5.83
C ALA B 65 -1.64 14.44 -5.67
N THR B 66 -1.51 15.20 -4.58
CA THR B 66 -0.33 15.98 -4.30
C THR B 66 0.06 15.73 -2.85
N VAL B 67 1.33 15.38 -2.62
CA VAL B 67 1.88 15.25 -1.28
C VAL B 67 3.01 16.26 -1.19
N TYR B 68 2.96 17.10 -0.18
CA TYR B 68 3.86 18.25 -0.02
C TYR B 68 3.76 19.21 -1.21
N PRO B 69 2.64 19.92 -1.34
CA PRO B 69 2.47 20.83 -2.49
C PRO B 69 3.49 21.95 -2.53
N ASN B 70 4.09 22.29 -1.40
CA ASN B 70 5.02 23.40 -1.29
C ASN B 70 6.37 22.84 -0.88
N ALA B 71 7.35 22.90 -1.81
CA ALA B 71 8.66 22.32 -1.56
C ALA B 71 9.38 22.96 -0.38
N ALA B 72 9.05 24.21 -0.03
CA ALA B 72 9.67 24.84 1.13
C ALA B 72 9.28 24.16 2.43
N LYS B 73 8.18 23.41 2.45
CA LYS B 73 7.75 22.67 3.64
C LYS B 73 7.89 21.15 3.46
N LYS B 74 8.67 20.72 2.46
CA LYS B 74 8.81 19.31 2.13
C LYS B 74 10.09 18.78 2.76
N PRO B 75 10.05 17.74 3.59
CA PRO B 75 11.28 17.23 4.19
C PRO B 75 12.10 16.47 3.16
N PRO B 76 13.33 16.11 3.48
CA PRO B 76 14.16 15.34 2.53
C PRO B 76 13.53 13.99 2.20
N MET B 77 13.95 13.46 1.06
CA MET B 77 13.55 12.11 0.68
C MET B 77 13.84 11.16 1.82
N GLY B 78 12.85 10.32 2.13
CA GLY B 78 12.97 9.35 3.20
C GLY B 78 12.48 9.83 4.54
N LYS B 79 12.08 11.09 4.64
N LYS B 79 12.08 11.09 4.64
CA LYS B 79 11.59 11.68 5.87
CA LYS B 79 11.59 11.69 5.87
C LYS B 79 10.12 12.04 5.71
C LYS B 79 10.12 12.04 5.71
N GLY B 80 9.40 12.04 6.83
CA GLY B 80 7.98 12.35 6.80
C GLY B 80 7.22 11.46 5.83
N LEU B 81 6.41 12.07 4.98
CA LEU B 81 5.66 11.36 3.95
C LEU B 81 6.36 11.41 2.58
N ASN B 82 7.60 11.86 2.53
CA ASN B 82 8.34 11.93 1.27
C ASN B 82 9.03 10.59 1.02
N VAL B 83 8.17 9.59 0.77
CA VAL B 83 8.55 8.17 0.72
C VAL B 83 7.78 7.48 -0.39
N PRO B 84 8.12 6.24 -0.74
CA PRO B 84 7.40 5.52 -1.79
C PRO B 84 5.92 5.39 -1.45
N ALA B 85 5.07 5.51 -2.47
CA ALA B 85 3.64 5.44 -2.27
C ALA B 85 2.94 4.85 -3.49
N LEU B 86 1.79 4.26 -3.23
CA LEU B 86 0.86 3.76 -4.24
CA LEU B 86 0.86 3.76 -4.24
C LEU B 86 -0.33 4.69 -4.28
N ILE B 87 -0.59 5.29 -5.44
CA ILE B 87 -1.65 6.26 -5.63
C ILE B 87 -2.70 5.64 -6.53
N SER B 88 -3.96 5.83 -6.15
CA SER B 88 -5.10 5.34 -6.90
CA SER B 88 -5.11 5.34 -6.91
C SER B 88 -6.05 6.50 -7.16
N LEU B 89 -6.38 6.71 -8.42
CA LEU B 89 -7.23 7.83 -8.83
C LEU B 89 -8.45 7.34 -9.59
N GLU B 90 -9.63 7.62 -9.03
CA GLU B 90 -10.88 7.42 -9.73
C GLU B 90 -11.00 8.40 -10.90
N HIS B 91 -11.93 8.11 -11.80
CA HIS B 91 -12.32 9.04 -12.85
C HIS B 91 -11.21 9.21 -13.88
N SER B 92 -10.38 8.18 -14.04
CA SER B 92 -9.20 8.21 -14.91
C SER B 92 -9.51 7.62 -16.30
N TRP B 93 -10.75 7.82 -16.76
CA TRP B 93 -11.23 7.38 -18.06
C TRP B 93 -10.40 7.98 -19.18
N PRO B 94 -10.45 7.37 -20.36
CA PRO B 94 -9.87 8.03 -21.54
C PRO B 94 -10.37 9.44 -21.75
N ARG B 95 -9.56 10.26 -22.42
CA ARG B 95 -10.00 11.56 -22.89
C ARG B 95 -11.24 11.33 -23.73
N GLY B 96 -12.32 12.02 -23.38
CA GLY B 96 -13.62 11.79 -24.00
C GLY B 96 -14.58 11.08 -23.08
N GLY B 97 -14.10 10.52 -21.96
CA GLY B 97 -14.96 10.03 -20.90
C GLY B 97 -15.19 8.53 -20.88
N PRO B 98 -16.08 8.09 -19.98
CA PRO B 98 -16.22 6.65 -19.69
C PRO B 98 -16.68 5.80 -20.88
N THR B 99 -17.37 6.39 -21.87
CA THR B 99 -17.87 5.59 -22.98
C THR B 99 -16.80 5.23 -24.00
N ILE B 100 -15.59 5.77 -23.86
CA ILE B 100 -14.57 5.59 -24.88
C ILE B 100 -14.06 4.15 -24.81
N LYS B 101 -14.14 3.44 -25.94
N LYS B 101 -14.13 3.45 -25.95
CA LYS B 101 -13.67 2.06 -25.99
CA LYS B 101 -13.73 2.05 -26.03
C LYS B 101 -12.85 1.82 -27.26
C LYS B 101 -12.76 1.83 -27.19
N GLY B 102 -12.48 0.57 -27.49
CA GLY B 102 -11.75 0.24 -28.71
C GLY B 102 -10.35 0.84 -28.73
N ARG B 103 -10.03 1.42 -29.89
CA ARG B 103 -8.68 1.92 -30.16
C ARG B 103 -8.31 3.07 -29.22
N ARG B 104 -9.23 4.00 -28.97
CA ARG B 104 -8.89 5.10 -28.08
C ARG B 104 -8.65 4.63 -26.65
N LEU B 105 -9.32 3.56 -26.25
CA LEU B 105 -9.08 3.02 -24.92
C LEU B 105 -7.70 2.37 -24.86
N GLU B 106 -7.32 1.64 -25.90
CA GLU B 106 -5.99 1.03 -25.91
C GLU B 106 -4.90 2.09 -25.90
N ARG B 107 -5.09 3.18 -26.65
CA ARG B 107 -4.09 4.24 -26.62
C ARG B 107 -4.04 4.91 -25.26
N HIS B 108 -5.20 5.04 -24.59
CA HIS B 108 -5.21 5.60 -23.25
C HIS B 108 -4.34 4.77 -22.30
N ILE B 109 -4.51 3.45 -22.34
CA ILE B 109 -3.73 2.59 -21.45
C ILE B 109 -2.25 2.71 -21.75
N GLU B 110 -1.89 2.76 -23.02
CA GLU B 110 -0.49 2.93 -23.39
C GLU B 110 0.08 4.22 -22.81
N ARG B 111 -0.71 5.29 -22.82
CA ARG B 111 -0.22 6.53 -22.22
C ARG B 111 -0.09 6.42 -20.72
N LEU B 112 -1.11 5.86 -20.04
CA LEU B 112 -1.02 5.73 -18.58
C LEU B 112 0.25 4.97 -18.20
N LYS B 113 0.63 3.96 -18.98
CA LYS B 113 1.80 3.16 -18.66
C LYS B 113 3.11 3.94 -18.73
N SER B 114 3.12 5.14 -19.34
CA SER B 114 4.36 5.89 -19.54
C SER B 114 4.26 7.30 -18.98
N ILE B 115 3.36 7.55 -18.04
CA ILE B 115 3.32 8.87 -17.40
C ILE B 115 4.63 9.08 -16.62
N PRO B 116 5.34 10.19 -16.82
CA PRO B 116 6.62 10.39 -16.13
C PRO B 116 6.49 10.37 -14.61
N ASP B 117 7.55 9.89 -13.96
CA ASP B 117 7.66 9.86 -12.51
C ASP B 117 6.68 8.91 -11.86
N THR B 118 6.06 8.01 -12.63
CA THR B 118 5.17 6.99 -12.12
C THR B 118 5.59 5.63 -12.64
N THR B 119 5.26 4.60 -11.86
CA THR B 119 5.34 3.22 -12.30
C THR B 119 3.91 2.67 -12.31
N PHE B 120 3.43 2.36 -13.49
CA PHE B 120 2.07 1.88 -13.64
C PHE B 120 1.81 0.63 -12.81
N GLU B 121 0.69 0.62 -12.09
CA GLU B 121 0.22 -0.55 -11.39
C GLU B 121 -0.95 -1.20 -12.12
N SER B 122 -1.99 -0.42 -12.41
CA SER B 122 -3.16 -1.01 -13.05
C SER B 122 -4.07 0.09 -13.58
N TYR B 123 -4.93 -0.31 -14.49
CA TYR B 123 -6.06 0.51 -14.94
C TYR B 123 -7.22 -0.45 -15.14
N ASP B 124 -8.32 -0.22 -14.44
CA ASP B 124 -9.50 -1.06 -14.59
C ASP B 124 -10.45 -0.37 -15.55
N PRO B 125 -10.66 -0.90 -16.77
CA PRO B 125 -11.48 -0.18 -17.75
C PRO B 125 -12.96 -0.12 -17.39
N GLU B 126 -13.41 -0.98 -16.49
N GLU B 126 -13.42 -0.98 -16.50
CA GLU B 126 -14.81 -0.96 -16.08
CA GLU B 126 -14.82 -0.95 -16.08
C GLU B 126 -15.07 0.08 -15.00
C GLU B 126 -15.06 0.13 -15.04
N THR B 127 -14.11 0.33 -14.12
CA THR B 127 -14.30 1.27 -13.01
C THR B 127 -13.64 2.62 -13.23
N GLY B 128 -12.69 2.73 -14.16
CA GLY B 128 -12.02 3.97 -14.39
C GLY B 128 -10.91 4.30 -13.41
N VAL B 129 -10.46 3.33 -12.60
CA VAL B 129 -9.45 3.60 -11.59
C VAL B 129 -8.06 3.30 -12.15
N TRP B 130 -7.19 4.30 -12.11
CA TRP B 130 -5.79 4.16 -12.43
C TRP B 130 -4.96 4.14 -11.14
N ALA B 131 -4.11 3.13 -11.00
CA ALA B 131 -3.20 3.00 -9.87
C ALA B 131 -1.76 2.98 -10.36
N PHE B 132 -0.90 3.65 -9.61
CA PHE B 132 0.50 3.76 -9.97
C PHE B 132 1.31 4.02 -8.70
N SER B 133 2.58 3.70 -8.77
CA SER B 133 3.48 3.98 -7.67
C SER B 133 4.40 5.13 -8.01
N VAL B 134 4.86 5.82 -6.96
CA VAL B 134 5.92 6.83 -7.07
C VAL B 134 7.01 6.42 -6.09
N GLU B 135 8.23 6.82 -6.39
CA GLU B 135 9.36 6.50 -5.52
C GLU B 135 9.42 7.41 -4.29
N HIS B 136 8.80 8.57 -4.38
CA HIS B 136 8.78 9.62 -3.37
C HIS B 136 8.20 10.84 -4.07
N PHE B 137 8.24 11.99 -3.45
CA PHE B 137 7.60 13.19 -3.97
C PHE B 137 8.60 14.29 -4.28
N ALA B 138 9.85 13.91 -4.56
CA ALA B 138 10.84 14.91 -4.92
C ALA B 138 10.54 15.54 -6.27
N THR B 139 9.92 14.79 -7.20
CA THR B 139 9.73 15.28 -8.57
C THR B 139 8.31 15.10 -9.09
N TYR B 140 7.61 14.05 -8.64
CA TYR B 140 6.24 13.83 -9.08
C TYR B 140 5.37 15.03 -8.74
N GLY B 141 4.70 15.57 -9.76
CA GLY B 141 3.80 16.70 -9.58
C GLY B 141 4.46 18.07 -9.53
N LEU B 142 5.78 18.16 -9.72
CA LEU B 142 6.43 19.47 -9.71
C LEU B 142 6.17 20.27 -10.97
N GLY B 143 5.69 19.63 -12.04
CA GLY B 143 5.43 20.31 -13.30
C GLY B 143 6.50 20.05 -14.34
S SO4 C . 25.56 -14.26 0.94
O1 SO4 C . 24.13 -13.99 0.78
O2 SO4 C . 26.39 -13.20 0.33
O3 SO4 C . 25.93 -14.51 2.36
O4 SO4 C . 25.94 -15.52 0.25
S SO4 D . -16.74 -10.18 11.91
O1 SO4 D . -16.08 -10.37 10.61
O2 SO4 D . -17.27 -8.82 11.97
O3 SO4 D . -15.76 -10.43 12.97
O4 SO4 D . -17.82 -11.14 12.05
S SO4 E . -1.87 15.74 16.50
O1 SO4 E . -3.22 15.54 15.97
O2 SO4 E . -1.80 17.05 17.13
O3 SO4 E . -1.63 14.67 17.46
O4 SO4 E . -0.88 15.63 15.43
S SO4 F . -5.31 9.66 -28.35
O1 SO4 F . -6.30 9.05 -29.27
O2 SO4 F . -5.76 11.04 -28.13
O3 SO4 F . -5.28 8.95 -27.07
O4 SO4 F . -3.96 9.63 -28.93
S SO4 G . -8.99 9.53 -34.54
O1 SO4 G . -9.67 10.82 -34.46
O2 SO4 G . -9.34 8.86 -35.79
O3 SO4 G . -9.39 8.70 -33.40
O4 SO4 G . -7.54 9.74 -34.50
#